data_5GKI
#
_entry.id   5GKI
#
_cell.length_a   92.030
_cell.length_b   92.030
_cell.length_c   405.350
_cell.angle_alpha   90.00
_cell.angle_beta   90.00
_cell.angle_gamma   120.00
#
_symmetry.space_group_name_H-M   'P 61 2 2'
#
loop_
_entity.id
_entity.type
_entity.pdbx_description
1 polymer 'Endonuclease EndoMS'
2 polymer "DNA (5'-D(*GP*CP*CP*TP*AP*GP*GP*TP*CP*CP*CP*GP*TP*CP*C)-3')"
3 polymer "DNA (5'-D(*GP*GP*AP*CP*GP*GP*GP*GP*CP*CP*TP*AP*GP*GP*C)-3')"
4 non-polymer 'MAGNESIUM ION'
5 non-polymer (4S)-2-METHYL-2,4-PENTANEDIOL
6 water water
#
loop_
_entity_poly.entity_id
_entity_poly.type
_entity_poly.pdbx_seq_one_letter_code
_entity_poly.pdbx_strand_id
1 'polypeptide(L)'
;MSKDKVTVITSPSTEELVSLVNSALLEEAMLTIFARCKVHYDGRAKSELGSGDRVIIVKPDGSFLIHQSKKREPVNWQPP
GSRVRLELRENPVLVSIRRKPRETLEVELEEVYMVSVFRAEDYEELALTGSEAEMAELIFENPEVIEPGFKPLFREKAIG
TGIVAVLGRDSDGNIVVLELKRRRAELHAVRQLKSYVEILREEYGDKVRGILVAPSLTSGAKRLLEKEGLEFRKLEPPKR
DSKKKGRQKTLF
;
A,B
2 'polydeoxyribonucleotide' (DG)(DC)(DC)(DT)(DA)(DG)(DG)(DT)(DC)(DC)(DC)(DG)(DT)(DC)(DC) C
3 'polydeoxyribonucleotide' (DG)(DG)(DA)(DC)(DG)(DG)(DG)(DG)(DC)(DC)(DT)(DA)(DG)(DG)(DC) D
#
# COMPACT_ATOMS: atom_id res chain seq x y z
N SER A 2 -3.72 10.65 32.07
CA SER A 2 -2.79 10.46 33.19
C SER A 2 -2.01 11.72 33.58
N LYS A 3 -1.77 12.61 32.61
CA LYS A 3 -0.89 13.79 32.73
C LYS A 3 -1.36 14.82 31.68
N ASP A 4 -0.47 15.73 31.28
CA ASP A 4 -0.71 16.59 30.12
C ASP A 4 -0.87 15.78 28.86
N LYS A 5 -1.45 16.39 27.83
CA LYS A 5 -1.58 15.75 26.53
C LYS A 5 -0.21 15.28 25.97
N VAL A 6 0.83 16.08 26.16
CA VAL A 6 2.12 15.74 25.60
C VAL A 6 3.28 15.88 26.58
N THR A 7 4.17 14.88 26.54
CA THR A 7 5.45 14.92 27.23
C THR A 7 6.59 14.81 26.19
N VAL A 8 7.67 15.54 26.42
CA VAL A 8 8.78 15.62 25.48
C VAL A 8 10.07 15.64 26.27
N ILE A 9 11.03 14.83 25.91
CA ILE A 9 12.36 14.98 26.46
C ILE A 9 13.42 14.88 25.39
N THR A 10 14.25 15.91 25.29
CA THR A 10 15.34 15.91 24.34
C THR A 10 16.62 15.41 24.98
N SER A 11 17.43 14.69 24.19
CA SER A 11 18.62 13.98 24.68
C SER A 11 18.33 13.29 25.99
N PRO A 12 17.41 12.30 25.98
CA PRO A 12 17.05 11.68 27.24
C PRO A 12 18.11 10.73 27.74
N SER A 13 18.15 10.57 29.06
CA SER A 13 18.88 9.50 29.70
C SER A 13 18.13 8.20 29.50
N THR A 14 18.82 7.08 29.67
CA THR A 14 18.18 5.78 29.55
C THR A 14 16.97 5.67 30.47
N GLU A 15 17.12 6.15 31.71
CA GLU A 15 16.03 6.11 32.66
C GLU A 15 14.85 6.91 32.14
N GLU A 16 15.13 8.10 31.58
CA GLU A 16 14.08 8.93 30.99
C GLU A 16 13.44 8.23 29.79
N LEU A 17 14.29 7.75 28.87
CA LEU A 17 13.83 7.00 27.69
C LEU A 17 12.89 5.87 28.06
N VAL A 18 13.36 5.01 28.96
CA VAL A 18 12.52 3.93 29.49
C VAL A 18 11.23 4.43 30.12
N SER A 19 11.35 5.43 30.97
CA SER A 19 10.20 5.97 31.67
C SER A 19 9.10 6.35 30.70
N LEU A 20 9.48 7.05 29.64
CA LEU A 20 8.52 7.54 28.66
C LEU A 20 7.91 6.42 27.84
N VAL A 21 8.77 5.63 27.21
CA VAL A 21 8.32 4.48 26.42
C VAL A 21 7.32 3.65 27.21
N ASN A 22 7.67 3.31 28.45
CA ASN A 22 6.76 2.61 29.36
C ASN A 22 5.41 3.32 29.47
N SER A 23 5.45 4.60 29.81
CA SER A 23 4.22 5.37 29.99
C SER A 23 3.37 5.31 28.74
N ALA A 24 4.03 5.34 27.58
CA ALA A 24 3.32 5.39 26.31
C ALA A 24 2.53 4.12 26.12
N LEU A 25 3.21 2.98 26.21
CA LEU A 25 2.53 1.69 26.04
C LEU A 25 1.43 1.50 27.07
N LEU A 26 1.78 1.83 28.31
CA LEU A 26 0.84 1.69 29.40
C LEU A 26 -0.38 2.60 29.24
N GLU A 27 -0.21 3.83 28.77
CA GLU A 27 -1.33 4.78 28.70
C GLU A 27 -2.13 4.76 27.38
N GLU A 28 -1.77 3.86 26.46
CA GLU A 28 -2.36 3.80 25.10
C GLU A 28 -2.12 5.10 24.38
N ALA A 29 -0.94 5.68 24.60
CA ALA A 29 -0.54 6.90 23.92
C ALA A 29 0.26 6.61 22.67
N MET A 30 0.64 7.66 21.96
CA MET A 30 1.47 7.51 20.79
C MET A 30 2.89 7.81 21.15
N LEU A 31 3.77 6.87 20.80
CA LEU A 31 5.18 7.05 21.08
C LEU A 31 5.85 7.63 19.85
N THR A 32 6.60 8.70 20.04
CA THR A 32 7.36 9.26 18.93
C THR A 32 8.81 9.45 19.31
N ILE A 33 9.72 8.92 18.50
CA ILE A 33 11.13 9.04 18.78
C ILE A 33 11.88 9.59 17.57
N PHE A 34 12.72 10.60 17.79
CA PHE A 34 13.70 11.00 16.79
C PHE A 34 15.03 10.41 17.19
N ALA A 35 15.61 9.55 16.36
CA ALA A 35 16.84 8.93 16.80
C ALA A 35 17.76 8.50 15.67
N ARG A 36 19.05 8.45 15.99
CA ARG A 36 20.00 7.77 15.14
C ARG A 36 19.89 6.29 15.49
N CYS A 37 19.75 5.43 14.48
CA CYS A 37 19.48 4.02 14.75
C CYS A 37 19.91 3.07 13.63
N LYS A 38 19.96 1.78 13.96
CA LYS A 38 20.02 0.68 13.00
C LYS A 38 18.72 -0.11 13.07
N VAL A 39 18.28 -0.68 11.95
CA VAL A 39 17.03 -1.44 11.94
C VAL A 39 17.23 -2.84 11.38
N HIS A 40 16.77 -3.83 12.11
CA HIS A 40 16.90 -5.22 11.67
C HIS A 40 15.51 -5.84 11.60
N TYR A 41 15.18 -6.45 10.45
CA TYR A 41 13.86 -7.06 10.27
C TYR A 41 13.95 -8.50 9.72
N ASP A 42 13.32 -9.43 10.42
CA ASP A 42 13.21 -10.82 9.99
C ASP A 42 11.75 -11.25 10.13
N GLY A 43 11.22 -11.94 9.14
CA GLY A 43 9.78 -12.10 9.03
C GLY A 43 9.51 -12.63 7.64
N ARG A 44 8.36 -12.26 7.10
CA ARG A 44 8.01 -12.58 5.72
C ARG A 44 9.17 -12.35 4.76
N ALA A 45 9.88 -11.26 4.97
CA ALA A 45 11.16 -11.05 4.28
C ALA A 45 12.25 -10.74 5.32
N LYS A 46 13.41 -10.31 4.83
CA LYS A 46 14.53 -9.94 5.70
C LYS A 46 15.16 -8.66 5.19
N SER A 47 15.56 -7.79 6.11
CA SER A 47 16.11 -6.49 5.76
C SER A 47 17.13 -6.01 6.78
N GLU A 48 17.99 -5.08 6.37
CA GLU A 48 18.93 -4.42 7.27
C GLU A 48 19.04 -2.99 6.80
N LEU A 49 19.17 -2.08 7.75
CA LEU A 49 19.30 -0.66 7.48
C LEU A 49 20.38 -0.08 8.37
N GLY A 50 21.39 0.54 7.76
CA GLY A 50 22.54 1.04 8.49
C GLY A 50 22.23 2.26 9.32
N SER A 51 23.20 2.65 10.17
CA SER A 51 23.04 3.78 11.08
C SER A 51 22.56 5.04 10.38
N GLY A 52 21.52 5.65 10.92
CA GLY A 52 20.94 6.86 10.33
C GLY A 52 19.81 7.45 11.15
N ASP A 53 19.46 8.70 10.82
CA ASP A 53 18.45 9.47 11.56
C ASP A 53 17.05 9.19 11.04
N ARG A 54 16.16 8.76 11.92
CA ARG A 54 14.78 8.49 11.52
C ARG A 54 13.76 8.91 12.57
N VAL A 55 12.53 9.07 12.10
CA VAL A 55 11.40 9.30 12.97
C VAL A 55 10.75 7.96 13.20
N ILE A 56 10.47 7.66 14.45
CA ILE A 56 10.00 6.36 14.83
C ILE A 56 8.68 6.52 15.52
N ILE A 57 7.67 5.79 15.08
CA ILE A 57 6.39 5.89 15.75
C ILE A 57 5.87 4.52 16.18
N VAL A 58 5.40 4.44 17.42
CA VAL A 58 4.65 3.29 17.89
C VAL A 58 3.22 3.66 18.27
N LYS A 59 2.24 3.14 17.55
CA LYS A 59 0.84 3.41 17.86
C LYS A 59 0.34 2.40 18.90
N PRO A 60 -0.63 2.81 19.72
CA PRO A 60 -1.13 1.93 20.79
C PRO A 60 -1.76 0.63 20.27
N ASP A 61 -2.10 0.55 18.98
CA ASP A 61 -2.65 -0.68 18.43
C ASP A 61 -1.56 -1.62 17.95
N GLY A 62 -0.31 -1.23 18.18
CA GLY A 62 0.81 -2.12 17.94
C GLY A 62 1.54 -1.76 16.68
N SER A 63 1.05 -0.72 16.00
CA SER A 63 1.66 -0.34 14.75
C SER A 63 2.97 0.35 15.00
N PHE A 64 3.91 0.06 14.13
CA PHE A 64 5.27 0.45 14.35
C PHE A 64 5.78 1.05 13.06
N LEU A 65 6.12 2.34 13.08
CA LEU A 65 6.55 2.99 11.86
C LEU A 65 7.96 3.53 12.00
N ILE A 66 8.77 3.29 10.99
CA ILE A 66 10.09 3.88 10.91
C ILE A 66 10.20 4.69 9.63
N HIS A 67 10.41 5.99 9.78
CA HIS A 67 10.42 6.88 8.63
C HIS A 67 11.77 7.52 8.40
N GLN A 68 12.28 7.42 7.18
CA GLN A 68 13.43 8.21 6.80
C GLN A 68 12.94 9.53 6.27
N SER A 69 13.86 10.35 5.76
CA SER A 69 13.54 11.72 5.40
C SER A 69 12.85 11.81 4.04
N LYS A 70 12.65 10.67 3.39
CA LYS A 70 12.01 10.63 2.07
C LYS A 70 10.87 9.62 1.90
N LYS A 71 10.21 9.78 0.77
CA LYS A 71 9.01 9.08 0.30
C LYS A 71 7.75 9.13 1.20
N ARG A 72 6.76 8.27 0.94
CA ARG A 72 5.53 8.25 1.75
C ARG A 72 5.49 7.05 2.67
N GLU A 73 6.48 6.21 2.46
CA GLU A 73 6.48 4.87 2.99
C GLU A 73 7.49 4.73 4.08
N PRO A 74 7.05 4.16 5.20
CA PRO A 74 8.01 3.81 6.24
C PRO A 74 9.04 2.87 5.65
N VAL A 75 10.30 2.99 6.05
CA VAL A 75 11.30 2.10 5.48
C VAL A 75 11.07 0.73 6.10
N ASN A 76 10.88 0.69 7.41
CA ASN A 76 10.52 -0.56 8.04
C ASN A 76 9.29 -0.33 8.88
N TRP A 77 8.58 -1.39 9.21
CA TRP A 77 7.34 -1.24 9.95
C TRP A 77 6.80 -2.52 10.52
N GLN A 78 5.70 -2.36 11.26
CA GLN A 78 4.91 -3.47 11.79
C GLN A 78 3.42 -3.10 11.90
N PRO A 79 2.56 -3.89 11.26
CA PRO A 79 1.11 -3.70 11.26
C PRO A 79 0.53 -3.87 12.67
N PRO A 80 -0.74 -3.50 12.87
CA PRO A 80 -1.36 -3.66 14.19
C PRO A 80 -1.23 -5.07 14.76
N GLY A 81 -1.25 -5.16 16.08
CA GLY A 81 -1.12 -6.42 16.78
C GLY A 81 0.31 -6.85 17.02
N SER A 82 1.21 -5.89 17.15
CA SER A 82 2.59 -6.23 17.44
C SER A 82 2.93 -5.80 18.82
N ARG A 83 3.37 -6.75 19.64
CA ARG A 83 3.88 -6.43 20.95
C ARG A 83 5.21 -5.75 20.79
N VAL A 84 5.30 -4.56 21.36
CA VAL A 84 6.54 -3.81 21.35
C VAL A 84 7.05 -3.77 22.77
N ARG A 85 8.37 -3.71 22.92
CA ARG A 85 8.99 -3.61 24.21
C ARG A 85 10.39 -3.06 24.02
N LEU A 86 11.01 -2.56 25.08
CA LEU A 86 12.33 -1.98 24.93
C LEU A 86 13.40 -2.70 25.78
N GLU A 87 14.33 -3.36 25.09
CA GLU A 87 15.37 -4.16 25.76
C GLU A 87 16.64 -3.39 25.84
N LEU A 88 17.34 -3.51 26.97
CA LEU A 88 18.59 -2.78 27.12
C LEU A 88 19.79 -3.69 26.94
N ARG A 89 20.32 -3.61 25.72
CA ARG A 89 21.58 -4.19 25.30
C ARG A 89 22.55 -3.04 25.42
N GLU A 90 23.71 -3.10 24.77
CA GLU A 90 24.63 -1.97 24.94
C GLU A 90 24.13 -0.68 24.27
N ASN A 91 23.03 -0.80 23.54
CA ASN A 91 22.16 0.33 23.25
C ASN A 91 20.74 -0.12 23.51
N PRO A 92 19.86 0.79 23.91
CA PRO A 92 18.45 0.41 23.96
C PRO A 92 17.97 -0.08 22.58
N VAL A 93 17.12 -1.09 22.59
CA VAL A 93 16.56 -1.59 21.36
C VAL A 93 15.06 -1.69 21.50
N LEU A 94 14.34 -1.05 20.58
CA LEU A 94 12.90 -1.28 20.46
C LEU A 94 12.70 -2.60 19.75
N VAL A 95 11.83 -3.46 20.28
CA VAL A 95 11.61 -4.77 19.69
C VAL A 95 10.13 -5.05 19.53
N SER A 96 9.73 -5.20 18.28
CA SER A 96 8.34 -5.43 17.94
C SER A 96 8.22 -6.82 17.36
N ILE A 97 7.38 -7.63 18.00
CA ILE A 97 7.12 -8.99 17.57
C ILE A 97 5.65 -9.18 17.25
N ARG A 98 5.41 -10.04 16.29
CA ARG A 98 4.10 -10.32 15.76
C ARG A 98 4.13 -11.80 15.51
N ARG A 99 3.02 -12.48 15.76
CA ARG A 99 2.96 -13.87 15.37
C ARG A 99 1.86 -14.03 14.33
N LYS A 100 1.95 -15.10 13.56
CA LYS A 100 1.07 -15.30 12.42
C LYS A 100 1.05 -14.09 11.47
N PRO A 101 2.09 -13.97 10.64
CA PRO A 101 3.23 -14.88 10.71
C PRO A 101 4.22 -14.40 11.73
N ARG A 102 5.26 -15.18 11.97
CA ARG A 102 6.26 -14.75 12.91
C ARG A 102 7.07 -13.64 12.28
N GLU A 103 7.14 -12.48 12.94
CA GLU A 103 7.94 -11.37 12.43
C GLU A 103 8.62 -10.58 13.55
N THR A 104 9.90 -10.28 13.35
CA THR A 104 10.66 -9.54 14.33
C THR A 104 11.21 -8.25 13.76
N LEU A 105 10.87 -7.14 14.40
CA LEU A 105 11.45 -5.84 14.04
C LEU A 105 12.28 -5.30 15.20
N GLU A 106 13.54 -4.98 14.95
CA GLU A 106 14.44 -4.54 16.01
C GLU A 106 15.08 -3.19 15.69
N VAL A 107 14.77 -2.19 16.49
CA VAL A 107 15.38 -0.88 16.27
C VAL A 107 16.35 -0.56 17.37
N GLU A 108 17.62 -0.47 17.00
CA GLU A 108 18.71 -0.23 17.94
C GLU A 108 18.90 1.27 18.03
N LEU A 109 18.62 1.85 19.19
CA LEU A 109 18.66 3.30 19.29
C LEU A 109 20.06 3.67 19.75
N GLU A 110 20.84 4.22 18.80
CA GLU A 110 22.24 4.56 19.03
C GLU A 110 22.36 5.88 19.75
N GLU A 111 21.63 6.88 19.25
CA GLU A 111 21.49 8.19 19.87
C GLU A 111 20.03 8.65 19.82
N VAL A 112 19.38 8.81 20.96
CA VAL A 112 18.01 9.35 20.92
C VAL A 112 17.98 10.88 21.07
N TYR A 113 17.61 11.59 20.01
CA TYR A 113 17.58 13.03 20.08
C TYR A 113 16.32 13.55 20.78
N MET A 114 15.20 12.87 20.58
CA MET A 114 13.97 13.24 21.27
C MET A 114 13.07 12.02 21.46
N VAL A 115 12.35 12.01 22.57
CA VAL A 115 11.35 11.00 22.82
C VAL A 115 10.13 11.77 23.26
N SER A 116 8.96 11.29 22.90
CA SER A 116 7.74 12.00 23.25
C SER A 116 6.55 11.08 23.40
N VAL A 117 5.72 11.41 24.37
CA VAL A 117 4.48 10.68 24.59
C VAL A 117 3.31 11.61 24.28
N PHE A 118 2.43 11.17 23.39
CA PHE A 118 1.31 12.01 22.94
C PHE A 118 -0.01 11.30 23.26
N ARG A 119 -0.75 11.79 24.24
CA ARG A 119 -1.94 11.04 24.57
C ARG A 119 -2.99 11.61 23.66
N ALA A 120 -3.16 10.97 22.52
CA ALA A 120 -3.98 11.58 21.49
C ALA A 120 -5.37 11.11 21.72
N GLU A 121 -6.32 12.01 21.51
CA GLU A 121 -7.71 11.71 21.71
C GLU A 121 -8.37 11.93 20.36
N ASP A 122 -8.93 10.86 19.78
CA ASP A 122 -9.61 10.97 18.50
C ASP A 122 -10.84 10.08 18.43
N TYR A 123 -12.02 10.67 18.35
CA TYR A 123 -13.25 9.91 18.16
C TYR A 123 -13.80 9.92 16.73
N GLU A 124 -13.12 10.60 15.80
CA GLU A 124 -13.67 10.81 14.46
C GLU A 124 -13.09 9.85 13.42
N GLU A 125 -13.97 9.35 12.56
CA GLU A 125 -13.54 8.48 11.46
C GLU A 125 -13.66 9.18 10.12
N LEU A 126 -12.77 8.85 9.21
CA LEU A 126 -12.70 9.49 7.90
C LEU A 126 -13.97 9.31 7.07
N ALA A 127 -14.38 10.35 6.37
CA ALA A 127 -15.42 10.19 5.38
C ALA A 127 -14.81 10.40 4.01
N LEU A 128 -14.91 9.39 3.16
CA LEU A 128 -14.38 9.48 1.80
C LEU A 128 -15.45 9.21 0.75
N THR A 129 -15.34 9.89 -0.39
CA THR A 129 -16.27 9.68 -1.47
C THR A 129 -15.46 9.61 -2.77
N GLY A 130 -16.02 9.03 -3.82
CA GLY A 130 -15.30 8.84 -5.06
C GLY A 130 -14.74 7.43 -5.23
N SER A 131 -15.31 6.47 -4.50
CA SER A 131 -14.82 5.10 -4.43
C SER A 131 -15.51 4.09 -5.36
N GLU A 132 -15.01 2.85 -5.39
CA GLU A 132 -15.62 1.83 -6.26
C GLU A 132 -17.02 1.56 -5.76
N ALA A 133 -17.20 1.55 -4.44
CA ALA A 133 -18.49 1.23 -3.87
C ALA A 133 -19.54 2.26 -4.28
N GLU A 134 -19.11 3.52 -4.37
CA GLU A 134 -20.03 4.58 -4.75
C GLU A 134 -20.39 4.52 -6.24
N MET A 135 -19.49 4.00 -7.05
CA MET A 135 -19.85 3.70 -8.43
C MET A 135 -20.98 2.68 -8.44
N ALA A 136 -20.80 1.62 -7.66
CA ALA A 136 -21.77 0.55 -7.60
C ALA A 136 -23.15 1.10 -7.26
N GLU A 137 -23.20 1.87 -6.16
CA GLU A 137 -24.45 2.49 -5.70
C GLU A 137 -25.09 3.32 -6.82
N LEU A 138 -24.27 4.11 -7.49
CA LEU A 138 -24.74 4.88 -8.62
C LEU A 138 -25.48 3.95 -9.57
N ILE A 139 -24.83 2.86 -9.93
CA ILE A 139 -25.37 1.91 -10.90
C ILE A 139 -26.68 1.27 -10.43
N PHE A 140 -26.78 0.99 -9.14
CA PHE A 140 -28.02 0.39 -8.68
C PHE A 140 -29.16 1.43 -8.67
N GLU A 141 -28.92 2.62 -8.14
CA GLU A 141 -30.01 3.60 -8.11
C GLU A 141 -30.24 4.21 -9.50
N ASN A 142 -29.30 4.01 -10.43
CA ASN A 142 -29.42 4.53 -11.79
C ASN A 142 -28.88 3.59 -12.89
N PRO A 143 -29.50 2.41 -13.06
CA PRO A 143 -28.97 1.42 -14.02
C PRO A 143 -28.75 1.94 -15.43
N GLU A 144 -29.46 3.00 -15.80
CA GLU A 144 -29.37 3.48 -17.17
C GLU A 144 -27.99 4.08 -17.47
N VAL A 145 -27.20 4.34 -16.43
CA VAL A 145 -25.84 4.86 -16.64
C VAL A 145 -24.99 3.84 -17.36
N ILE A 146 -25.49 2.61 -17.37
CA ILE A 146 -24.84 1.51 -18.06
C ILE A 146 -25.40 1.45 -19.48
N GLU A 147 -26.69 1.19 -19.56
CA GLU A 147 -27.41 1.11 -20.82
C GLU A 147 -28.88 0.89 -20.47
N PRO A 148 -29.81 1.24 -21.37
CA PRO A 148 -31.24 1.15 -21.07
C PRO A 148 -31.71 -0.29 -20.95
N GLY A 149 -32.64 -0.53 -20.03
CA GLY A 149 -33.14 -1.86 -19.81
C GLY A 149 -32.09 -2.78 -19.21
N PHE A 150 -31.14 -2.19 -18.49
CA PHE A 150 -30.17 -2.99 -17.77
C PHE A 150 -30.65 -3.17 -16.36
N LYS A 151 -30.74 -4.42 -15.96
CA LYS A 151 -31.20 -4.78 -14.63
C LYS A 151 -30.04 -5.34 -13.82
N PRO A 152 -29.56 -4.56 -12.84
CA PRO A 152 -28.58 -5.05 -11.87
C PRO A 152 -29.24 -5.95 -10.82
N LEU A 153 -28.56 -7.02 -10.42
CA LEU A 153 -29.11 -7.97 -9.46
C LEU A 153 -28.20 -8.11 -8.26
N PHE A 154 -26.94 -8.48 -8.50
CA PHE A 154 -26.03 -8.76 -7.40
C PHE A 154 -24.83 -7.80 -7.32
N ARG A 155 -24.41 -7.55 -6.09
CA ARG A 155 -23.26 -6.71 -5.77
C ARG A 155 -22.24 -7.52 -4.93
N GLU A 156 -20.99 -7.56 -5.40
CA GLU A 156 -19.92 -8.33 -4.77
C GLU A 156 -20.35 -9.77 -4.64
N LYS A 157 -20.91 -10.31 -5.73
CA LYS A 157 -21.44 -11.68 -5.74
C LYS A 157 -20.39 -12.69 -6.12
N ALA A 158 -20.08 -13.60 -5.21
CA ALA A 158 -19.15 -14.66 -5.53
C ALA A 158 -19.77 -15.58 -6.58
N ILE A 159 -19.09 -15.74 -7.70
CA ILE A 159 -19.38 -16.84 -8.59
C ILE A 159 -18.45 -17.96 -8.15
N GLY A 160 -18.36 -19.03 -8.94
CA GLY A 160 -17.61 -20.18 -8.48
C GLY A 160 -16.18 -19.82 -8.13
N THR A 161 -15.45 -19.30 -9.09
CA THR A 161 -14.08 -18.88 -8.85
C THR A 161 -14.00 -17.35 -9.04
N GLY A 162 -13.81 -16.61 -7.95
CA GLY A 162 -13.79 -15.16 -8.01
C GLY A 162 -15.04 -14.44 -7.52
N ILE A 163 -14.95 -13.12 -7.38
CA ILE A 163 -16.09 -12.34 -6.95
C ILE A 163 -16.37 -11.16 -7.89
N VAL A 164 -17.52 -11.24 -8.56
CA VAL A 164 -17.93 -10.27 -9.57
C VAL A 164 -18.33 -8.96 -8.91
N ALA A 165 -18.10 -7.84 -9.59
CA ALA A 165 -18.41 -6.55 -8.98
C ALA A 165 -19.91 -6.31 -8.98
N VAL A 166 -20.48 -6.25 -10.17
CA VAL A 166 -21.90 -6.13 -10.33
C VAL A 166 -22.35 -7.18 -11.32
N LEU A 167 -23.39 -7.92 -10.95
CA LEU A 167 -23.92 -8.93 -11.85
C LEU A 167 -25.36 -8.59 -12.17
N GLY A 168 -25.74 -8.72 -13.43
CA GLY A 168 -27.09 -8.36 -13.82
C GLY A 168 -27.45 -8.94 -15.16
N ARG A 169 -28.54 -8.41 -15.75
CA ARG A 169 -29.04 -8.81 -17.06
C ARG A 169 -29.27 -7.61 -17.94
N ASP A 170 -29.35 -7.81 -19.24
CA ASP A 170 -29.70 -6.70 -20.13
C ASP A 170 -31.07 -6.88 -20.75
N SER A 171 -31.47 -5.89 -21.55
CA SER A 171 -32.80 -5.85 -22.13
C SER A 171 -33.08 -7.01 -23.10
N ASP A 172 -32.06 -7.46 -23.82
CA ASP A 172 -32.22 -8.56 -24.77
C ASP A 172 -32.05 -9.91 -24.10
N GLY A 173 -31.92 -9.91 -22.76
CA GLY A 173 -31.94 -11.14 -21.99
C GLY A 173 -30.65 -11.88 -21.65
N ASN A 174 -29.49 -11.33 -22.02
CA ASN A 174 -28.20 -11.91 -21.64
C ASN A 174 -27.85 -11.64 -20.18
N ILE A 175 -26.91 -12.42 -19.65
CA ILE A 175 -26.32 -12.09 -18.37
C ILE A 175 -25.17 -11.09 -18.55
N VAL A 176 -25.16 -10.05 -17.73
CA VAL A 176 -24.11 -9.04 -17.82
C VAL A 176 -23.23 -9.05 -16.58
N VAL A 177 -21.92 -9.04 -16.81
CA VAL A 177 -20.93 -8.86 -15.77
C VAL A 177 -20.36 -7.46 -15.87
N LEU A 178 -20.29 -6.78 -14.75
CA LEU A 178 -19.59 -5.50 -14.71
C LEU A 178 -18.30 -5.67 -13.92
N GLU A 179 -17.20 -5.14 -14.48
CA GLU A 179 -16.01 -4.88 -13.66
C GLU A 179 -15.88 -3.39 -13.53
N LEU A 180 -15.73 -2.92 -12.31
CA LEU A 180 -15.63 -1.47 -12.07
C LEU A 180 -14.23 -1.10 -11.64
N LYS A 181 -13.74 0.02 -12.16
CA LYS A 181 -12.52 0.64 -11.66
C LYS A 181 -12.77 2.14 -11.44
N ARG A 182 -12.39 2.66 -10.26
CA ARG A 182 -12.57 4.11 -9.96
C ARG A 182 -11.60 5.01 -10.70
N ARG A 183 -10.55 4.41 -11.24
CA ARG A 183 -9.58 5.14 -12.02
C ARG A 183 -9.43 4.50 -13.40
N ARG A 184 -8.53 5.04 -14.21
CA ARG A 184 -8.22 4.42 -15.49
C ARG A 184 -7.90 2.94 -15.29
N ALA A 185 -8.47 2.09 -16.16
CA ALA A 185 -8.39 0.65 -16.01
C ALA A 185 -7.19 0.05 -16.71
N GLU A 186 -6.57 -0.93 -16.06
CA GLU A 186 -5.35 -1.55 -16.53
C GLU A 186 -5.62 -3.00 -16.96
N LEU A 187 -4.58 -3.72 -17.39
CA LEU A 187 -4.74 -5.12 -17.80
C LEU A 187 -5.38 -5.96 -16.72
N HIS A 188 -4.93 -5.75 -15.49
CA HIS A 188 -5.42 -6.46 -14.32
C HIS A 188 -6.95 -6.53 -14.30
N ALA A 189 -7.59 -5.42 -14.67
CA ALA A 189 -9.04 -5.32 -14.62
C ALA A 189 -9.69 -6.08 -15.75
N VAL A 190 -9.00 -6.15 -16.88
CA VAL A 190 -9.60 -6.82 -18.02
C VAL A 190 -9.45 -8.33 -17.83
N ARG A 191 -8.38 -8.73 -17.15
CA ARG A 191 -8.19 -10.14 -16.82
C ARG A 191 -9.24 -10.62 -15.84
N GLN A 192 -9.56 -9.79 -14.85
CA GLN A 192 -10.65 -10.04 -13.93
C GLN A 192 -11.95 -10.26 -14.69
N LEU A 193 -12.32 -9.26 -15.49
CA LEU A 193 -13.54 -9.31 -16.27
C LEU A 193 -13.59 -10.61 -17.09
N LYS A 194 -12.65 -10.78 -18.02
CA LYS A 194 -12.58 -11.97 -18.87
C LYS A 194 -12.67 -13.28 -18.07
N SER A 195 -11.88 -13.41 -17.01
CA SER A 195 -12.01 -14.55 -16.10
C SER A 195 -13.47 -14.79 -15.65
N TYR A 196 -14.14 -13.74 -15.17
CA TYR A 196 -15.51 -13.92 -14.69
C TYR A 196 -16.43 -14.36 -15.83
N VAL A 197 -16.29 -13.72 -16.98
CA VAL A 197 -17.15 -13.99 -18.12
C VAL A 197 -17.02 -15.44 -18.54
N GLU A 198 -15.79 -15.95 -18.51
CA GLU A 198 -15.54 -17.34 -18.90
C GLU A 198 -16.34 -18.25 -18.00
N ILE A 199 -16.22 -18.04 -16.70
CA ILE A 199 -16.83 -18.91 -15.72
C ILE A 199 -18.35 -18.93 -15.84
N LEU A 200 -18.93 -17.76 -16.08
CA LEU A 200 -20.38 -17.65 -16.28
C LEU A 200 -20.81 -18.14 -17.65
N ARG A 201 -19.92 -18.16 -18.62
CA ARG A 201 -20.23 -18.81 -19.89
C ARG A 201 -20.43 -20.31 -19.67
N GLU A 202 -19.72 -20.89 -18.70
CA GLU A 202 -19.78 -22.32 -18.48
C GLU A 202 -21.19 -22.80 -18.06
N GLU A 203 -21.89 -22.02 -17.25
CA GLU A 203 -23.29 -22.33 -16.98
C GLU A 203 -24.27 -21.86 -18.05
N TYR A 204 -24.18 -20.59 -18.43
CA TYR A 204 -25.19 -19.94 -19.26
C TYR A 204 -24.77 -19.83 -20.73
N GLY A 205 -23.65 -20.45 -21.06
CA GLY A 205 -23.27 -20.56 -22.46
C GLY A 205 -22.93 -19.25 -23.11
N ASP A 206 -23.19 -19.15 -24.41
CA ASP A 206 -22.71 -18.05 -25.21
C ASP A 206 -23.40 -16.71 -24.91
N LYS A 207 -24.48 -16.68 -24.14
CA LYS A 207 -25.02 -15.35 -23.85
C LYS A 207 -24.65 -14.81 -22.46
N VAL A 208 -23.54 -14.09 -22.48
CA VAL A 208 -22.96 -13.42 -21.33
C VAL A 208 -22.21 -12.24 -21.89
N ARG A 209 -22.27 -11.08 -21.25
CA ARG A 209 -21.47 -9.95 -21.68
C ARG A 209 -20.69 -9.48 -20.47
N GLY A 210 -19.39 -9.28 -20.63
CA GLY A 210 -18.66 -8.47 -19.68
C GLY A 210 -18.62 -7.02 -20.14
N ILE A 211 -18.73 -6.11 -19.19
CA ILE A 211 -18.55 -4.71 -19.49
C ILE A 211 -17.61 -4.12 -18.45
N LEU A 212 -16.53 -3.53 -18.93
CA LEU A 212 -15.63 -2.81 -18.06
C LEU A 212 -16.12 -1.39 -17.89
N VAL A 213 -16.36 -1.00 -16.66
CA VAL A 213 -16.87 0.33 -16.39
C VAL A 213 -15.86 1.12 -15.54
N ALA A 214 -15.43 2.26 -16.07
CA ALA A 214 -14.32 3.02 -15.52
C ALA A 214 -14.19 4.29 -16.34
N PRO A 215 -13.48 5.30 -15.81
CA PRO A 215 -13.32 6.56 -16.56
C PRO A 215 -12.47 6.45 -17.84
N SER A 216 -11.65 5.40 -17.95
CA SER A 216 -10.75 5.25 -19.10
C SER A 216 -9.95 3.96 -19.01
N LEU A 217 -9.27 3.61 -20.11
CA LEU A 217 -8.41 2.43 -20.16
C LEU A 217 -7.01 2.77 -20.57
N THR A 218 -6.05 2.00 -20.08
CA THR A 218 -4.72 2.07 -20.62
C THR A 218 -4.70 1.48 -22.03
N SER A 219 -3.55 1.52 -22.69
CA SER A 219 -3.42 1.01 -24.04
C SER A 219 -3.70 -0.49 -24.11
N GLY A 220 -2.97 -1.27 -23.33
CA GLY A 220 -3.11 -2.71 -23.33
C GLY A 220 -4.51 -3.15 -22.92
N ALA A 221 -5.10 -2.40 -21.99
CA ALA A 221 -6.44 -2.70 -21.54
C ALA A 221 -7.41 -2.65 -22.72
N LYS A 222 -7.40 -1.55 -23.48
CA LYS A 222 -8.28 -1.44 -24.64
C LYS A 222 -7.95 -2.50 -25.67
N ARG A 223 -6.65 -2.72 -25.86
CA ARG A 223 -6.14 -3.72 -26.78
C ARG A 223 -6.76 -5.07 -26.42
N LEU A 224 -6.55 -5.49 -25.18
CA LEU A 224 -7.03 -6.79 -24.73
C LEU A 224 -8.56 -6.83 -24.61
N LEU A 225 -9.16 -5.69 -24.29
CA LEU A 225 -10.60 -5.64 -24.14
C LEU A 225 -11.21 -6.06 -25.46
N GLU A 226 -10.78 -5.37 -26.51
CA GLU A 226 -11.33 -5.57 -27.83
C GLU A 226 -11.05 -6.96 -28.34
N LYS A 227 -9.80 -7.39 -28.18
CA LYS A 227 -9.39 -8.69 -28.66
C LYS A 227 -10.35 -9.77 -28.16
N GLU A 228 -10.61 -9.81 -26.85
CA GLU A 228 -11.43 -10.88 -26.30
C GLU A 228 -12.93 -10.54 -26.39
N GLY A 229 -13.25 -9.47 -27.11
CA GLY A 229 -14.63 -9.14 -27.45
C GLY A 229 -15.46 -8.70 -26.27
N LEU A 230 -14.87 -7.89 -25.40
CA LEU A 230 -15.60 -7.35 -24.28
C LEU A 230 -15.92 -5.88 -24.52
N GLU A 231 -16.68 -5.26 -23.60
CA GLU A 231 -17.21 -3.92 -23.82
C GLU A 231 -16.83 -2.93 -22.73
N PHE A 232 -16.88 -1.64 -23.06
CA PHE A 232 -16.49 -0.58 -22.13
C PHE A 232 -17.53 0.53 -22.03
N ARG A 233 -17.85 0.93 -20.81
CA ARG A 233 -18.59 2.16 -20.60
C ARG A 233 -17.77 3.10 -19.75
N LYS A 234 -17.56 4.31 -20.26
CA LYS A 234 -16.90 5.34 -19.50
C LYS A 234 -17.80 5.75 -18.34
N LEU A 235 -17.26 5.68 -17.13
CA LEU A 235 -17.96 6.22 -15.98
C LEU A 235 -16.98 6.73 -14.93
N GLU A 236 -17.30 7.89 -14.36
CA GLU A 236 -16.48 8.51 -13.34
C GLU A 236 -17.09 8.25 -11.99
N PRO A 237 -16.28 7.88 -11.01
CA PRO A 237 -16.85 7.76 -9.66
C PRO A 237 -17.46 9.09 -9.23
N PRO A 238 -18.65 9.02 -8.63
CA PRO A 238 -19.36 10.21 -8.14
C PRO A 238 -18.74 10.78 -6.87
N LYS A 239 -18.75 12.11 -6.71
CA LYS A 239 -18.31 12.70 -5.44
C LYS A 239 -19.45 13.40 -4.74
N ARG A 240 -19.88 12.83 -3.63
CA ARG A 240 -20.98 13.39 -2.83
C ARG A 240 -20.47 14.12 -1.58
N SER B 2 21.75 28.17 16.97
CA SER B 2 20.68 27.84 16.03
C SER B 2 20.46 26.33 15.84
N LYS B 3 21.43 25.65 15.21
CA LYS B 3 21.16 24.33 14.63
C LYS B 3 21.65 23.11 15.43
N ASP B 4 20.67 22.45 16.05
CA ASP B 4 20.79 21.12 16.65
C ASP B 4 19.82 20.29 15.85
N LYS B 5 19.97 18.97 15.89
CA LYS B 5 19.11 18.06 15.15
C LYS B 5 17.65 18.42 15.37
N VAL B 6 17.34 18.74 16.63
CA VAL B 6 15.94 18.89 17.03
C VAL B 6 15.65 20.25 17.60
N THR B 7 14.45 20.74 17.29
CA THR B 7 13.92 21.93 17.88
C THR B 7 12.44 21.69 18.28
N VAL B 8 12.15 21.73 19.57
CA VAL B 8 10.79 21.45 20.00
C VAL B 8 10.16 22.64 20.70
N ILE B 9 8.87 22.84 20.46
CA ILE B 9 8.10 23.74 21.28
C ILE B 9 6.74 23.15 21.56
N THR B 10 6.45 22.91 22.83
CA THR B 10 5.11 22.51 23.21
C THR B 10 4.24 23.75 23.36
N SER B 11 2.92 23.56 23.23
CA SER B 11 1.93 24.63 23.32
C SER B 11 2.47 25.96 22.82
N PRO B 12 2.84 26.00 21.52
CA PRO B 12 3.51 27.16 20.96
C PRO B 12 2.56 28.32 20.64
N SER B 13 3.12 29.52 20.58
CA SER B 13 2.41 30.69 20.08
C SER B 13 2.28 30.58 18.59
N THR B 14 1.30 31.30 18.04
CA THR B 14 1.19 31.39 16.59
C THR B 14 2.53 31.86 16.01
N GLU B 15 3.13 32.87 16.63
CA GLU B 15 4.44 33.32 16.19
C GLU B 15 5.45 32.16 16.17
N GLU B 16 5.44 31.33 17.21
CA GLU B 16 6.40 30.24 17.30
C GLU B 16 6.14 29.20 16.23
N LEU B 17 4.85 28.88 16.06
CA LEU B 17 4.40 27.92 15.06
C LEU B 17 4.97 28.30 13.72
N VAL B 18 4.52 29.46 13.24
CA VAL B 18 4.97 30.02 11.98
C VAL B 18 6.49 30.01 11.87
N SER B 19 7.14 30.39 12.95
CA SER B 19 8.58 30.47 12.94
C SER B 19 9.19 29.13 12.60
N LEU B 20 8.81 28.12 13.37
CA LEU B 20 9.33 26.78 13.21
C LEU B 20 8.92 26.14 11.89
N VAL B 21 7.62 26.19 11.60
CA VAL B 21 7.09 25.57 10.38
C VAL B 21 7.82 26.10 9.17
N ASN B 22 7.88 27.42 9.03
CA ASN B 22 8.52 28.01 7.87
C ASN B 22 10.00 27.69 7.86
N SER B 23 10.60 27.59 9.04
CA SER B 23 12.01 27.24 9.09
C SER B 23 12.24 25.79 8.64
N ALA B 24 11.29 24.92 8.94
CA ALA B 24 11.42 23.53 8.52
C ALA B 24 11.42 23.42 7.00
N LEU B 25 10.36 23.96 6.39
CA LEU B 25 10.19 23.96 4.93
C LEU B 25 11.41 24.52 4.22
N LEU B 26 11.94 25.61 4.74
CA LEU B 26 13.10 26.24 4.12
C LEU B 26 14.40 25.49 4.39
N GLU B 27 14.57 24.93 5.58
CA GLU B 27 15.82 24.21 5.88
C GLU B 27 15.75 22.80 5.33
N GLU B 28 14.61 22.45 4.76
CA GLU B 28 14.41 21.12 4.20
C GLU B 28 14.76 20.06 5.25
N ALA B 29 13.92 20.01 6.27
CA ALA B 29 14.06 19.09 7.39
C ALA B 29 12.69 18.51 7.69
N MET B 30 12.62 17.62 8.67
CA MET B 30 11.36 16.98 8.97
C MET B 30 10.57 17.75 10.00
N LEU B 31 9.41 18.21 9.58
CA LEU B 31 8.44 18.82 10.45
C LEU B 31 7.57 17.75 11.10
N THR B 32 7.56 17.68 12.42
CA THR B 32 6.57 16.87 13.13
C THR B 32 5.64 17.76 13.96
N ILE B 33 4.35 17.46 14.00
CA ILE B 33 3.38 18.23 14.80
C ILE B 33 2.34 17.33 15.48
N PHE B 34 2.02 17.59 16.76
CA PHE B 34 0.88 16.90 17.38
C PHE B 34 -0.19 17.93 17.61
N ALA B 35 -1.39 17.70 17.07
CA ALA B 35 -2.41 18.73 17.12
C ALA B 35 -3.85 18.22 17.03
N ARG B 36 -4.79 18.96 17.61
CA ARG B 36 -6.20 18.76 17.30
C ARG B 36 -6.45 19.39 15.94
N CYS B 37 -6.97 18.63 14.99
CA CYS B 37 -7.17 19.19 13.67
C CYS B 37 -8.40 18.68 12.97
N LYS B 38 -8.66 19.29 11.80
CA LYS B 38 -9.71 18.88 10.88
C LYS B 38 -9.03 18.83 9.53
N VAL B 39 -9.36 17.83 8.71
CA VAL B 39 -8.67 17.63 7.44
C VAL B 39 -9.62 17.67 6.27
N HIS B 40 -9.16 18.29 5.18
CA HIS B 40 -9.96 18.40 3.96
C HIS B 40 -9.08 17.99 2.78
N TYR B 41 -9.51 16.95 2.07
CA TYR B 41 -8.75 16.41 0.95
C TYR B 41 -9.61 16.42 -0.30
N ASP B 42 -9.04 16.95 -1.40
CA ASP B 42 -9.67 16.89 -2.71
C ASP B 42 -8.63 16.68 -3.76
N GLY B 43 -8.93 15.77 -4.68
CA GLY B 43 -7.91 15.13 -5.48
C GLY B 43 -8.62 13.98 -6.16
N ARG B 44 -7.89 12.90 -6.43
CA ARG B 44 -8.44 11.73 -7.11
C ARG B 44 -9.76 11.33 -6.48
N ALA B 45 -9.77 11.12 -5.17
CA ALA B 45 -11.02 11.09 -4.40
C ALA B 45 -11.20 12.36 -3.56
N LYS B 46 -12.22 12.36 -2.70
CA LYS B 46 -12.50 13.50 -1.82
C LYS B 46 -12.83 13.01 -0.40
N SER B 47 -12.25 13.65 0.62
CA SER B 47 -12.47 13.16 1.99
C SER B 47 -12.59 14.30 3.01
N GLU B 48 -13.23 13.99 4.13
CA GLU B 48 -13.40 14.91 5.26
C GLU B 48 -13.07 14.21 6.58
N LEU B 49 -12.31 14.88 7.45
CA LEU B 49 -12.01 14.31 8.77
C LEU B 49 -12.24 15.30 9.89
N GLY B 50 -13.22 14.99 10.76
CA GLY B 50 -13.59 15.86 11.85
C GLY B 50 -12.51 16.06 12.91
N SER B 51 -12.80 16.95 13.86
CA SER B 51 -11.84 17.33 14.88
C SER B 51 -11.30 16.15 15.71
N GLY B 52 -9.97 16.07 15.83
CA GLY B 52 -9.35 15.08 16.70
C GLY B 52 -7.83 15.18 16.72
N ASP B 53 -7.19 14.52 17.68
CA ASP B 53 -5.73 14.64 17.80
C ASP B 53 -5.03 13.66 16.89
N ARG B 54 -4.11 14.17 16.06
CA ARG B 54 -3.38 13.30 15.15
C ARG B 54 -1.91 13.69 15.14
N VAL B 55 -1.07 12.86 14.56
CA VAL B 55 0.32 13.23 14.31
C VAL B 55 0.41 13.69 12.87
N ILE B 56 1.27 14.67 12.61
CA ILE B 56 1.43 15.21 11.27
C ILE B 56 2.90 15.29 10.95
N ILE B 57 3.27 14.76 9.80
CA ILE B 57 4.65 14.79 9.38
C ILE B 57 4.77 15.35 7.97
N VAL B 58 5.72 16.27 7.80
CA VAL B 58 6.07 16.80 6.49
C VAL B 58 7.54 16.54 6.23
N LYS B 59 7.83 15.68 5.25
CA LYS B 59 9.22 15.38 4.86
C LYS B 59 9.78 16.44 3.90
N PRO B 60 11.11 16.61 3.90
CA PRO B 60 11.74 17.59 3.02
C PRO B 60 11.46 17.34 1.53
N ASP B 61 11.07 16.11 1.19
CA ASP B 61 10.75 15.79 -0.19
C ASP B 61 9.26 16.01 -0.48
N GLY B 62 8.56 16.61 0.49
CA GLY B 62 7.19 17.08 0.25
C GLY B 62 6.08 16.11 0.60
N SER B 63 6.44 14.88 0.93
CA SER B 63 5.46 13.90 1.41
C SER B 63 4.87 14.42 2.68
N PHE B 64 3.58 14.16 2.87
CA PHE B 64 2.81 14.75 3.96
C PHE B 64 2.01 13.61 4.58
N LEU B 65 2.20 13.32 5.86
CA LEU B 65 1.45 12.23 6.48
C LEU B 65 0.57 12.71 7.62
N ILE B 66 -0.61 12.12 7.73
CA ILE B 66 -1.41 12.39 8.91
C ILE B 66 -1.84 11.10 9.56
N HIS B 67 -1.32 10.83 10.75
CA HIS B 67 -1.59 9.59 11.46
C HIS B 67 -2.52 9.72 12.65
N GLN B 68 -3.59 8.94 12.63
CA GLN B 68 -4.38 8.69 13.84
C GLN B 68 -3.77 7.64 14.78
N SER B 69 -4.44 7.44 15.91
CA SER B 69 -3.94 6.60 16.98
C SER B 69 -3.89 5.13 16.61
N LYS B 70 -4.49 4.78 15.48
CA LYS B 70 -4.54 3.40 15.03
C LYS B 70 -4.06 3.20 13.59
N LYS B 71 -4.16 1.95 13.17
CA LYS B 71 -3.66 1.41 11.91
C LYS B 71 -2.19 1.67 11.57
N ARG B 72 -1.85 1.55 10.28
CA ARG B 72 -0.48 1.61 9.80
C ARG B 72 -0.44 2.72 8.79
N GLU B 73 -1.32 2.58 7.82
CA GLU B 73 -1.62 3.66 6.90
C GLU B 73 -1.99 4.97 7.61
N PRO B 74 -1.50 6.09 7.05
CA PRO B 74 -1.99 7.43 7.38
C PRO B 74 -3.46 7.60 7.01
N VAL B 75 -4.21 8.43 7.74
CA VAL B 75 -5.63 8.67 7.39
C VAL B 75 -5.73 9.54 6.15
N ASN B 76 -4.72 10.39 5.98
CA ASN B 76 -4.67 11.32 4.89
C ASN B 76 -3.21 11.58 4.62
N TRP B 77 -2.89 11.85 3.36
CA TRP B 77 -1.51 12.04 3.05
C TRP B 77 -1.39 12.81 1.79
N GLN B 78 -0.14 13.05 1.42
CA GLN B 78 0.18 13.59 0.12
C GLN B 78 1.50 12.93 -0.24
N PRO B 79 1.71 12.58 -1.52
CA PRO B 79 2.87 11.75 -1.84
C PRO B 79 4.07 12.63 -2.13
N PRO B 80 5.26 12.05 -2.34
CA PRO B 80 6.42 12.95 -2.51
C PRO B 80 6.25 13.93 -3.65
N GLY B 81 6.87 15.10 -3.54
CA GLY B 81 6.85 16.05 -4.63
C GLY B 81 5.90 17.21 -4.40
N SER B 82 5.00 17.04 -3.45
CA SER B 82 4.02 18.08 -3.17
C SER B 82 4.64 19.32 -2.57
N ARG B 83 3.93 20.44 -2.67
CA ARG B 83 4.42 21.70 -2.13
C ARG B 83 3.52 22.11 -0.98
N VAL B 84 4.14 22.46 0.14
CA VAL B 84 3.41 22.86 1.35
C VAL B 84 3.62 24.31 1.79
N ARG B 85 2.56 24.94 2.25
CA ARG B 85 2.63 26.30 2.74
C ARG B 85 1.77 26.42 4.00
N LEU B 86 2.20 27.20 4.99
CA LEU B 86 1.32 27.49 6.13
C LEU B 86 0.51 28.74 5.83
N GLU B 87 -0.78 28.69 6.16
CA GLU B 87 -1.68 29.79 5.90
C GLU B 87 -2.39 30.24 7.16
N LEU B 88 -2.31 31.52 7.47
CA LEU B 88 -2.98 32.00 8.66
C LEU B 88 -4.39 32.50 8.36
N ARG B 89 -5.35 31.96 9.10
CA ARG B 89 -6.80 32.20 8.93
C ARG B 89 -7.32 32.14 10.35
N GLU B 90 -8.63 31.92 10.53
CA GLU B 90 -9.19 31.81 11.89
C GLU B 90 -8.31 30.90 12.74
N ASN B 91 -7.84 29.83 12.09
CA ASN B 91 -6.80 28.96 12.62
C ASN B 91 -5.68 28.82 11.60
N PRO B 92 -4.50 28.42 12.05
CA PRO B 92 -3.46 28.14 11.05
C PRO B 92 -3.87 26.94 10.21
N VAL B 93 -3.51 26.95 8.93
CA VAL B 93 -3.80 25.81 8.09
C VAL B 93 -2.58 25.36 7.30
N LEU B 94 -2.17 24.10 7.52
CA LEU B 94 -1.20 23.44 6.65
C LEU B 94 -1.88 23.01 5.36
N VAL B 95 -1.28 23.39 4.25
CA VAL B 95 -1.86 23.18 2.94
C VAL B 95 -0.82 22.61 2.02
N SER B 96 -1.12 21.42 1.49
CA SER B 96 -0.23 20.80 0.52
C SER B 96 -0.97 20.72 -0.78
N ILE B 97 -0.30 21.19 -1.84
CA ILE B 97 -0.84 21.12 -3.19
C ILE B 97 -0.01 20.18 -4.04
N ARG B 98 -0.71 19.29 -4.75
CA ARG B 98 -0.08 18.45 -5.75
C ARG B 98 -0.54 18.87 -7.15
N ARG B 99 0.40 18.90 -8.08
CA ARG B 99 0.12 19.13 -9.51
C ARG B 99 0.12 17.76 -10.13
N LYS B 100 -0.73 17.48 -11.13
CA LYS B 100 -0.37 16.31 -11.95
C LYS B 100 -0.39 15.00 -11.16
N PRO B 101 -1.57 14.55 -10.70
CA PRO B 101 -2.94 15.10 -10.72
C PRO B 101 -3.14 16.19 -9.68
N ARG B 102 -3.99 17.17 -9.97
CA ARG B 102 -4.25 18.24 -9.02
C ARG B 102 -4.88 17.61 -7.78
N GLU B 103 -4.23 17.79 -6.64
CA GLU B 103 -4.75 17.34 -5.35
C GLU B 103 -4.41 18.34 -4.24
N THR B 104 -5.35 18.54 -3.32
CA THR B 104 -5.20 19.49 -2.24
C THR B 104 -5.42 18.86 -0.87
N LEU B 105 -4.46 19.02 0.03
CA LEU B 105 -4.72 18.60 1.39
C LEU B 105 -4.71 19.82 2.33
N GLU B 106 -5.78 19.97 3.09
CA GLU B 106 -5.85 21.07 4.05
C GLU B 106 -5.93 20.53 5.46
N VAL B 107 -4.90 20.74 6.26
CA VAL B 107 -5.00 20.44 7.67
C VAL B 107 -5.21 21.72 8.48
N GLU B 108 -6.42 21.92 8.98
CA GLU B 108 -6.71 23.06 9.84
C GLU B 108 -6.22 22.75 11.26
N LEU B 109 -5.29 23.55 11.77
CA LEU B 109 -4.78 23.29 13.12
C LEU B 109 -5.59 24.04 14.19
N GLU B 110 -6.42 23.29 14.91
CA GLU B 110 -7.29 23.85 15.94
C GLU B 110 -6.50 24.12 17.21
N GLU B 111 -5.75 23.14 17.65
CA GLU B 111 -4.79 23.36 18.71
C GLU B 111 -3.50 22.64 18.40
N VAL B 112 -2.38 23.35 18.42
CA VAL B 112 -1.11 22.68 18.30
C VAL B 112 -0.52 22.37 19.66
N TYR B 113 -0.42 21.09 20.01
CA TYR B 113 0.23 20.71 21.27
C TYR B 113 1.75 20.74 21.17
N MET B 114 2.27 20.42 19.99
CA MET B 114 3.71 20.44 19.78
C MET B 114 4.06 20.69 18.32
N VAL B 115 5.12 21.44 18.09
CA VAL B 115 5.74 21.53 16.78
C VAL B 115 7.21 21.21 16.98
N SER B 116 7.80 20.58 15.98
CA SER B 116 9.19 20.19 16.07
C SER B 116 9.83 20.19 14.71
N VAL B 117 11.14 20.43 14.70
CA VAL B 117 11.93 20.35 13.50
C VAL B 117 13.07 19.39 13.73
N PHE B 118 13.11 18.36 12.90
CA PHE B 118 14.11 17.33 13.07
C PHE B 118 15.02 17.44 11.87
N ARG B 119 16.27 17.81 12.10
CA ARG B 119 17.15 17.97 10.98
C ARG B 119 17.92 16.66 10.89
N ALA B 120 17.41 15.79 10.05
CA ALA B 120 17.81 14.40 10.11
C ALA B 120 18.76 14.07 8.98
N GLU B 121 19.85 13.39 9.33
CA GLU B 121 20.86 13.01 8.37
C GLU B 121 20.79 11.48 8.15
N ASP B 122 20.44 11.04 6.95
CA ASP B 122 20.41 9.60 6.64
C ASP B 122 21.13 9.31 5.34
N TYR B 123 22.28 8.66 5.41
CA TYR B 123 22.98 8.31 4.17
C TYR B 123 22.76 6.87 3.73
N GLU B 124 22.05 6.12 4.56
CA GLU B 124 21.95 4.69 4.36
C GLU B 124 20.61 4.33 3.75
N GLU B 125 20.60 3.33 2.87
CA GLU B 125 19.34 2.89 2.31
C GLU B 125 19.10 1.39 2.53
N LEU B 126 17.85 0.98 2.38
CA LEU B 126 17.41 -0.35 2.79
C LEU B 126 18.05 -1.46 1.99
N ALA B 127 18.39 -2.55 2.67
CA ALA B 127 18.86 -3.78 2.03
C ALA B 127 17.94 -4.95 2.38
N LEU B 128 17.17 -5.41 1.40
CA LEU B 128 16.11 -6.37 1.65
C LEU B 128 16.30 -7.62 0.80
N THR B 129 16.14 -8.79 1.43
CA THR B 129 16.24 -10.05 0.71
C THR B 129 14.92 -10.77 0.85
N GLY B 130 14.67 -11.74 -0.03
CA GLY B 130 13.41 -12.49 -0.03
C GLY B 130 12.39 -11.93 -1.02
N SER B 131 12.88 -11.12 -1.94
CA SER B 131 12.07 -10.54 -3.02
C SER B 131 11.77 -11.58 -4.08
N GLU B 132 10.79 -11.31 -4.96
CA GLU B 132 10.57 -12.26 -6.05
C GLU B 132 11.68 -12.07 -7.08
N ALA B 133 12.33 -10.91 -7.10
CA ALA B 133 13.42 -10.73 -8.05
C ALA B 133 14.50 -11.74 -7.71
N GLU B 134 14.71 -11.96 -6.40
CA GLU B 134 15.70 -12.92 -5.93
C GLU B 134 15.26 -14.36 -6.19
N MET B 135 13.95 -14.59 -6.29
CA MET B 135 13.45 -15.88 -6.73
C MET B 135 13.95 -16.12 -8.16
N ALA B 136 13.79 -15.10 -9.00
CA ALA B 136 14.22 -15.20 -10.39
C ALA B 136 15.73 -15.41 -10.49
N GLU B 137 16.50 -14.64 -9.72
CA GLU B 137 17.94 -14.83 -9.65
C GLU B 137 18.25 -16.27 -9.29
N LEU B 138 17.51 -16.83 -8.35
CA LEU B 138 17.76 -18.18 -7.92
C LEU B 138 17.52 -19.17 -9.03
N ILE B 139 16.54 -18.87 -9.87
CA ILE B 139 16.07 -19.81 -10.86
C ILE B 139 17.00 -19.81 -12.06
N PHE B 140 17.43 -18.61 -12.45
CA PHE B 140 18.37 -18.50 -13.55
C PHE B 140 19.74 -19.07 -13.19
N GLU B 141 20.11 -19.05 -11.91
CA GLU B 141 21.38 -19.63 -11.48
C GLU B 141 21.26 -21.14 -11.33
N ASN B 142 20.05 -21.58 -11.04
CA ASN B 142 19.85 -22.97 -10.67
C ASN B 142 18.50 -23.52 -11.12
N PRO B 143 18.33 -23.73 -12.44
CA PRO B 143 17.02 -24.00 -13.02
C PRO B 143 16.35 -25.27 -12.50
N GLU B 144 17.12 -26.20 -11.94
CA GLU B 144 16.56 -27.47 -11.48
C GLU B 144 15.56 -27.31 -10.32
N VAL B 145 15.53 -26.14 -9.68
CA VAL B 145 14.54 -25.89 -8.66
C VAL B 145 13.14 -25.88 -9.26
N ILE B 146 13.06 -25.66 -10.57
CA ILE B 146 11.80 -25.83 -11.30
C ILE B 146 11.59 -27.28 -11.67
N GLU B 147 12.50 -27.79 -12.50
CA GLU B 147 12.52 -29.19 -12.91
C GLU B 147 13.75 -29.44 -13.76
N PRO B 148 14.15 -30.71 -13.91
CA PRO B 148 15.30 -31.09 -14.74
C PRO B 148 15.20 -30.62 -16.17
N GLY B 149 16.29 -30.05 -16.66
CA GLY B 149 16.37 -29.64 -18.04
C GLY B 149 15.59 -28.39 -18.34
N PHE B 150 15.23 -27.65 -17.31
CA PHE B 150 14.58 -26.38 -17.58
C PHE B 150 15.62 -25.37 -18.04
N LYS B 151 15.28 -24.59 -19.06
CA LYS B 151 16.21 -23.59 -19.55
C LYS B 151 15.60 -22.17 -19.54
N PRO B 152 15.83 -21.44 -18.44
CA PRO B 152 15.42 -20.03 -18.34
C PRO B 152 16.11 -19.17 -19.40
N LEU B 153 15.38 -18.29 -20.06
CA LEU B 153 15.88 -17.51 -21.21
C LEU B 153 15.73 -16.03 -20.97
N PHE B 154 14.51 -15.59 -20.74
CA PHE B 154 14.26 -14.19 -20.48
C PHE B 154 13.67 -13.92 -19.11
N ARG B 155 13.78 -12.66 -18.71
CA ARG B 155 13.23 -12.19 -17.46
C ARG B 155 12.50 -10.90 -17.71
N GLU B 156 11.33 -10.75 -17.09
CA GLU B 156 10.45 -9.61 -17.37
C GLU B 156 10.32 -9.42 -18.89
N LYS B 157 10.16 -10.51 -19.62
CA LYS B 157 10.01 -10.45 -21.06
C LYS B 157 8.61 -9.95 -21.41
N ALA B 158 8.55 -8.94 -22.28
CA ALA B 158 7.26 -8.52 -22.82
C ALA B 158 6.82 -9.41 -23.96
N ILE B 159 5.70 -10.06 -23.76
CA ILE B 159 4.99 -10.67 -24.88
C ILE B 159 4.06 -9.59 -25.43
N GLY B 160 3.12 -9.96 -26.27
CA GLY B 160 2.34 -8.96 -26.95
C GLY B 160 1.63 -8.03 -25.99
N THR B 161 0.88 -8.64 -25.08
CA THR B 161 0.12 -7.91 -24.10
C THR B 161 0.42 -8.51 -22.74
N GLY B 162 1.10 -7.73 -21.90
CA GLY B 162 1.66 -8.24 -20.66
C GLY B 162 3.17 -8.39 -20.62
N ILE B 163 3.70 -8.70 -19.45
CA ILE B 163 5.12 -8.95 -19.25
C ILE B 163 5.30 -10.16 -18.34
N VAL B 164 5.90 -11.22 -18.87
CA VAL B 164 5.99 -12.45 -18.11
C VAL B 164 7.22 -12.46 -17.21
N ALA B 165 7.09 -13.06 -16.05
CA ALA B 165 8.16 -13.07 -15.07
C ALA B 165 9.38 -13.70 -15.69
N VAL B 166 9.21 -14.93 -16.14
CA VAL B 166 10.31 -15.69 -16.72
C VAL B 166 9.84 -16.50 -17.89
N LEU B 167 10.61 -16.48 -18.97
CA LEU B 167 10.28 -17.24 -20.16
C LEU B 167 11.43 -18.16 -20.49
N GLY B 168 11.13 -19.41 -20.86
CA GLY B 168 12.19 -20.39 -21.03
C GLY B 168 11.73 -21.59 -21.82
N ARG B 169 12.51 -22.67 -21.77
CA ARG B 169 12.14 -23.93 -22.45
C ARG B 169 12.43 -25.15 -21.59
N ASP B 170 11.67 -26.22 -21.83
CA ASP B 170 11.84 -27.46 -21.06
C ASP B 170 12.63 -28.51 -21.83
N SER B 171 12.81 -29.67 -21.21
CA SER B 171 13.52 -30.77 -21.86
C SER B 171 12.84 -31.24 -23.18
N ASP B 172 11.55 -30.96 -23.36
CA ASP B 172 10.85 -31.30 -24.61
C ASP B 172 10.91 -30.17 -25.65
N GLY B 173 11.55 -29.07 -25.30
CA GLY B 173 11.63 -27.96 -26.23
C GLY B 173 10.41 -27.06 -26.30
N ASN B 174 9.50 -27.17 -25.33
CA ASN B 174 8.33 -26.27 -25.29
C ASN B 174 8.67 -24.91 -24.70
N ILE B 175 7.93 -23.91 -25.16
CA ILE B 175 7.92 -22.63 -24.48
C ILE B 175 7.35 -22.82 -23.07
N VAL B 176 8.06 -22.28 -22.08
CA VAL B 176 7.60 -22.30 -20.70
C VAL B 176 7.46 -20.92 -20.09
N VAL B 177 6.29 -20.64 -19.53
CA VAL B 177 6.04 -19.42 -18.76
C VAL B 177 6.03 -19.70 -17.27
N LEU B 178 6.76 -18.90 -16.50
CA LEU B 178 6.60 -18.92 -15.06
C LEU B 178 5.96 -17.60 -14.59
N GLU B 179 4.98 -17.67 -13.68
CA GLU B 179 4.70 -16.47 -12.88
C GLU B 179 5.13 -16.82 -11.48
N LEU B 180 5.96 -15.94 -10.91
CA LEU B 180 6.50 -16.13 -9.58
C LEU B 180 5.75 -15.31 -8.56
N LYS B 181 5.60 -15.87 -7.36
CA LYS B 181 5.05 -15.16 -6.22
C LYS B 181 5.86 -15.46 -4.96
N ARG B 182 6.26 -14.40 -4.26
CA ARG B 182 7.09 -14.51 -3.06
C ARG B 182 6.30 -14.94 -1.82
N ARG B 183 4.98 -14.98 -1.94
CA ARG B 183 4.08 -15.47 -0.89
C ARG B 183 3.00 -16.29 -1.52
N ARG B 184 2.06 -16.79 -0.71
CA ARG B 184 1.05 -17.71 -1.22
C ARG B 184 0.27 -17.06 -2.34
N ALA B 185 0.12 -17.79 -3.44
CA ALA B 185 -0.39 -17.26 -4.68
C ALA B 185 -1.90 -17.34 -4.75
N GLU B 186 -2.53 -16.25 -5.15
CA GLU B 186 -3.97 -16.17 -5.13
C GLU B 186 -4.50 -16.15 -6.55
N LEU B 187 -5.81 -16.01 -6.68
CA LEU B 187 -6.47 -16.03 -7.97
C LEU B 187 -5.85 -15.15 -9.04
N HIS B 188 -5.44 -13.94 -8.68
CA HIS B 188 -4.91 -13.02 -9.69
C HIS B 188 -3.59 -13.57 -10.23
N ALA B 189 -2.85 -14.28 -9.39
CA ALA B 189 -1.64 -14.92 -9.87
C ALA B 189 -2.02 -15.85 -11.03
N VAL B 190 -2.95 -16.76 -10.80
CA VAL B 190 -3.31 -17.68 -11.85
C VAL B 190 -3.82 -16.93 -13.07
N ARG B 191 -4.67 -15.93 -12.87
CA ARG B 191 -5.16 -15.14 -14.00
C ARG B 191 -3.99 -14.53 -14.79
N GLN B 192 -2.94 -14.11 -14.10
CA GLN B 192 -1.78 -13.55 -14.79
C GLN B 192 -1.20 -14.61 -15.71
N LEU B 193 -0.79 -15.72 -15.11
CA LEU B 193 -0.20 -16.84 -15.86
C LEU B 193 -1.09 -17.28 -17.00
N LYS B 194 -2.35 -17.58 -16.70
CA LYS B 194 -3.30 -18.01 -17.69
C LYS B 194 -3.38 -17.02 -18.85
N SER B 195 -3.39 -15.73 -18.52
CA SER B 195 -3.38 -14.69 -19.54
C SER B 195 -2.17 -14.77 -20.45
N TYR B 196 -0.99 -14.97 -19.88
CA TYR B 196 0.24 -15.01 -20.67
C TYR B 196 0.26 -16.24 -21.59
N VAL B 197 -0.18 -17.37 -21.04
CA VAL B 197 -0.14 -18.62 -21.76
C VAL B 197 -1.06 -18.62 -22.98
N GLU B 198 -2.28 -18.13 -22.81
CA GLU B 198 -3.22 -17.98 -23.91
C GLU B 198 -2.58 -17.21 -25.08
N ILE B 199 -2.03 -16.06 -24.74
CA ILE B 199 -1.34 -15.20 -25.68
C ILE B 199 -0.16 -15.90 -26.35
N LEU B 200 0.55 -16.73 -25.59
CA LEU B 200 1.67 -17.45 -26.17
C LEU B 200 1.21 -18.61 -27.04
N ARG B 201 0.12 -19.25 -26.65
CA ARG B 201 -0.43 -20.38 -27.41
C ARG B 201 -0.69 -19.96 -28.85
N GLU B 202 -1.01 -18.67 -29.05
CA GLU B 202 -1.23 -18.15 -30.39
C GLU B 202 0.00 -18.33 -31.28
N GLU B 203 1.16 -17.88 -30.82
CA GLU B 203 2.36 -18.00 -31.62
C GLU B 203 2.91 -19.43 -31.62
N TYR B 204 3.03 -20.03 -30.45
CA TYR B 204 3.73 -21.31 -30.33
C TYR B 204 2.87 -22.57 -30.28
N GLY B 205 1.54 -22.42 -30.25
CA GLY B 205 0.68 -23.58 -30.17
C GLY B 205 0.38 -24.08 -28.76
N ASP B 206 -0.13 -25.31 -28.67
CA ASP B 206 -0.53 -25.91 -27.39
C ASP B 206 0.64 -26.51 -26.62
N LYS B 207 1.84 -26.42 -27.19
CA LYS B 207 3.04 -26.90 -26.51
C LYS B 207 3.10 -26.29 -25.12
N VAL B 208 2.84 -24.98 -25.08
CA VAL B 208 3.12 -24.07 -23.96
C VAL B 208 2.61 -24.49 -22.57
N ARG B 209 3.53 -24.44 -21.60
CA ARG B 209 3.19 -24.75 -20.21
C ARG B 209 3.30 -23.51 -19.33
N GLY B 210 2.24 -23.13 -18.64
CA GLY B 210 2.42 -22.19 -17.55
C GLY B 210 2.74 -22.88 -16.24
N ILE B 211 3.70 -22.35 -15.50
CA ILE B 211 3.96 -22.86 -14.16
C ILE B 211 3.87 -21.73 -13.17
N LEU B 212 3.06 -21.95 -12.15
CA LEU B 212 3.02 -21.06 -11.01
C LEU B 212 4.10 -21.48 -10.03
N VAL B 213 5.01 -20.55 -9.71
CA VAL B 213 6.08 -20.86 -8.78
C VAL B 213 5.88 -20.02 -7.53
N ALA B 214 5.51 -20.65 -6.43
CA ALA B 214 5.26 -19.93 -5.20
C ALA B 214 5.40 -20.84 -4.01
N PRO B 215 5.40 -20.28 -2.80
CA PRO B 215 5.59 -21.20 -1.69
C PRO B 215 4.37 -22.04 -1.38
N SER B 216 3.21 -21.48 -1.67
CA SER B 216 1.96 -22.20 -1.51
C SER B 216 0.86 -21.53 -2.34
N LEU B 217 -0.35 -22.05 -2.20
CA LEU B 217 -1.38 -21.79 -3.18
C LEU B 217 -2.74 -21.66 -2.46
N THR B 218 -3.55 -20.67 -2.79
CA THR B 218 -4.87 -20.64 -2.14
C THR B 218 -5.72 -21.68 -2.81
N SER B 219 -6.73 -22.16 -2.07
CA SER B 219 -7.64 -23.18 -2.56
C SER B 219 -8.19 -22.81 -3.94
N GLY B 220 -8.58 -21.54 -4.08
CA GLY B 220 -9.19 -21.06 -5.31
C GLY B 220 -8.20 -20.95 -6.45
N ALA B 221 -6.97 -20.62 -6.10
CA ALA B 221 -5.90 -20.61 -7.08
C ALA B 221 -5.66 -22.03 -7.60
N LYS B 222 -5.57 -22.99 -6.68
CA LYS B 222 -5.36 -24.39 -7.05
C LYS B 222 -6.45 -24.90 -7.97
N ARG B 223 -7.68 -24.54 -7.65
CA ARG B 223 -8.82 -24.90 -8.47
C ARG B 223 -8.63 -24.39 -9.89
N LEU B 224 -8.39 -23.09 -10.03
CA LEU B 224 -8.34 -22.49 -11.36
C LEU B 224 -7.12 -22.96 -12.14
N LEU B 225 -6.04 -23.20 -11.42
CA LEU B 225 -4.83 -23.76 -12.01
C LEU B 225 -5.19 -25.07 -12.67
N GLU B 226 -5.73 -25.98 -11.87
CA GLU B 226 -6.07 -27.33 -12.34
C GLU B 226 -7.15 -27.34 -13.41
N LYS B 227 -8.11 -26.42 -13.36
CA LYS B 227 -9.14 -26.35 -14.39
C LYS B 227 -8.54 -25.94 -15.74
N GLU B 228 -7.50 -25.12 -15.69
CA GLU B 228 -6.89 -24.64 -16.92
C GLU B 228 -5.65 -25.46 -17.34
N GLY B 229 -5.40 -26.54 -16.63
CA GLY B 229 -4.30 -27.42 -16.97
C GLY B 229 -2.97 -26.71 -16.90
N LEU B 230 -2.70 -26.08 -15.78
CA LEU B 230 -1.42 -25.43 -15.56
C LEU B 230 -0.76 -26.10 -14.39
N GLU B 231 0.47 -25.70 -14.09
CA GLU B 231 1.26 -26.46 -13.14
C GLU B 231 1.78 -25.62 -11.97
N PHE B 232 2.17 -26.30 -10.90
CA PHE B 232 2.67 -25.59 -9.73
C PHE B 232 3.98 -26.16 -9.20
N ARG B 233 5.01 -25.33 -9.18
CA ARG B 233 6.25 -25.71 -8.51
C ARG B 233 6.31 -24.99 -7.17
N LYS B 234 6.43 -25.75 -6.08
CA LYS B 234 6.59 -25.14 -4.77
C LYS B 234 8.02 -24.64 -4.66
N LEU B 235 8.14 -23.33 -4.43
CA LEU B 235 9.43 -22.68 -4.22
C LEU B 235 9.29 -21.56 -3.18
N GLU B 236 10.20 -21.53 -2.19
CA GLU B 236 10.25 -20.44 -1.21
C GLU B 236 11.20 -19.37 -1.70
N PRO B 237 10.88 -18.09 -1.45
CA PRO B 237 11.86 -17.06 -1.80
C PRO B 237 13.01 -17.13 -0.83
N PRO B 238 14.24 -17.10 -1.35
CA PRO B 238 15.50 -17.22 -0.61
C PRO B 238 15.88 -15.96 0.16
N LYS B 239 16.53 -16.15 1.31
CA LYS B 239 17.05 -15.05 2.10
C LYS B 239 18.59 -15.05 2.21
N ARG B 240 19.22 -14.08 1.55
CA ARG B 240 20.65 -13.76 1.70
C ARG B 240 21.12 -13.96 3.15
#